data_9SFG
#
_entry.id   9SFG
#
_cell.length_a   96.150
_cell.length_b   96.150
_cell.length_c   260.655
_cell.angle_alpha   90.000
_cell.angle_beta   90.000
_cell.angle_gamma   120.000
#
_symmetry.space_group_name_H-M   'P 61 2 2'
#
loop_
_entity.id
_entity.type
_entity.pdbx_description
1 polymer 'NACHT, LRR and PYD domains-containing protein 3'
2 non-polymer 5-methyl-~{N}-[(3~{R})-1-methylpiperidin-3-yl]-6-(2-methyl-1~{H}-pyrrolo[2,3-b]pyridin-6-yl)pyridazin-3-amine
3 non-polymer "ADENOSINE-5'-DIPHOSPHATE"
4 water water
#
_entity_poly.entity_id   1
_entity_poly.type   'polypeptide(L)'
_entity_poly.pdbx_seq_one_letter_code
;GKMKKDYRKKYRKYVRSRFQCIEDRNARLGESVSLNKRYTRLRLIKEHRSQQEREQELLAIGKTKTCESPVSPIKMELLF
DPDDEHSEPVHTVVFQGAAGIGKTILARKMMLDWASGTLYQDRFDYLFYIHCREVSLVTQRSLGDLIMSCCPDPNPPIHK
IVRKPSRILFLMDGFDELQGAFDEHIGPLCTDWQKAERGDILLSSLIRKKLLPEASLLITTRPVALEKLQHLLDHPRHVE
ILGFSEAKRKEYFFKYFSDEAQARAAFSLIQENEVLFTMCFIPLVCWIVCTGLKQQMESGKSLAQTSKTTTAVYVFFLSS
LLQPRGGSQEHGLCAHLWGLCSLAADGIWNQKILFEESDLRNHGLQKADVSAFLRMNLFQKEVDCEKFYSFIHMTFQEFF
AAMYYLLEEEKEGRTNVPGSRLKLPSRDVTVLLENYGKFEKGYLIFVVRFLFGLVNQERTSYLEKKLSCKISQQIRLELL
KWIEVKAKAKKLQIQPSQLELFYCLYEMQEEDFVQRAMDYFPKIEINLSTRMDHMVSSFCIENCHRVESL
;
_entity_poly.pdbx_strand_id   A
#
# COMPACT_ATOMS: atom_id res chain seq x y z
N LYS A 5 11.79 -0.85 -33.46
CA LYS A 5 10.81 -0.64 -34.53
C LYS A 5 9.78 -1.80 -34.62
N ASP A 6 10.17 -2.95 -35.23
CA ASP A 6 9.30 -4.12 -35.32
C ASP A 6 9.19 -4.83 -33.96
N TYR A 7 10.24 -4.74 -33.12
CA TYR A 7 10.20 -5.33 -31.78
C TYR A 7 9.23 -4.57 -30.88
N ARG A 8 9.05 -3.26 -31.10
CA ARG A 8 8.09 -2.47 -30.32
C ARG A 8 6.67 -3.05 -30.46
N LYS A 9 6.34 -3.60 -31.63
CA LYS A 9 5.05 -4.24 -31.86
C LYS A 9 4.95 -5.53 -31.03
N LYS A 10 6.04 -6.30 -30.94
CA LYS A 10 6.09 -7.53 -30.16
C LYS A 10 5.92 -7.23 -28.67
N TYR A 11 6.62 -6.20 -28.16
CA TYR A 11 6.58 -5.79 -26.76
C TYR A 11 5.21 -5.25 -26.41
N ARG A 12 4.63 -4.42 -27.28
CA ARG A 12 3.29 -3.88 -27.09
C ARG A 12 2.27 -5.01 -27.02
N LYS A 13 2.43 -6.04 -27.87
CA LYS A 13 1.56 -7.22 -27.85
C LYS A 13 1.63 -7.95 -26.50
N TYR A 14 2.84 -8.02 -25.92
CA TYR A 14 3.06 -8.65 -24.63
C TYR A 14 2.40 -7.82 -23.53
N VAL A 15 2.64 -6.49 -23.52
CA VAL A 15 2.06 -5.58 -22.53
C VAL A 15 0.53 -5.60 -22.60
N ARG A 16 -0.04 -5.78 -23.80
CA ARG A 16 -1.49 -5.88 -23.97
C ARG A 16 -2.06 -7.11 -23.26
N SER A 17 -1.33 -8.23 -23.28
CA SER A 17 -1.81 -9.47 -22.66
C SER A 17 -1.46 -9.61 -21.17
N ARG A 18 -0.19 -9.39 -20.79
CA ARG A 18 0.22 -9.54 -19.39
C ARG A 18 -0.51 -8.56 -18.45
N PHE A 19 -0.91 -7.39 -18.96
CA PHE A 19 -1.62 -6.42 -18.15
C PHE A 19 -3.12 -6.52 -18.35
N GLN A 20 -3.64 -7.76 -18.42
CA GLN A 20 -5.08 -7.97 -18.53
C GLN A 20 -5.76 -7.91 -17.14
N CYS A 21 -5.02 -8.32 -16.07
CA CYS A 21 -5.43 -8.28 -14.66
C CYS A 21 -6.78 -8.98 -14.39
N ILE A 22 -6.89 -10.28 -14.78
CA ILE A 22 -8.11 -11.07 -14.58
C ILE A 22 -8.12 -11.80 -13.21
N GLU A 23 -7.57 -11.13 -12.16
CA GLU A 23 -7.45 -11.64 -10.79
C GLU A 23 -8.79 -11.85 -10.10
N SER A 34 -11.74 -8.71 -17.01
CA SER A 34 -10.96 -7.60 -17.55
C SER A 34 -10.54 -6.58 -16.48
N LEU A 35 -9.49 -5.78 -16.78
CA LEU A 35 -9.03 -4.70 -15.90
C LEU A 35 -10.07 -3.56 -16.03
N ASN A 36 -10.42 -3.23 -17.30
CA ASN A 36 -11.40 -2.21 -17.70
C ASN A 36 -12.76 -2.44 -17.05
N LYS A 37 -13.25 -3.69 -17.05
CA LYS A 37 -14.54 -4.08 -16.47
C LYS A 37 -14.76 -3.62 -15.01
N ARG A 38 -13.68 -3.36 -14.25
CA ARG A 38 -13.82 -2.88 -12.88
C ARG A 38 -13.14 -1.53 -12.62
N TYR A 39 -12.16 -1.15 -13.48
CA TYR A 39 -11.46 0.14 -13.32
C TYR A 39 -12.38 1.35 -13.20
N THR A 40 -12.27 2.09 -12.10
CA THR A 40 -13.04 3.30 -11.87
C THR A 40 -12.09 4.49 -11.79
N ARG A 41 -12.47 5.60 -12.41
CA ARG A 41 -11.70 6.84 -12.46
C ARG A 41 -11.15 7.32 -11.10
N LEU A 42 -9.83 7.28 -10.95
CA LEU A 42 -9.16 7.74 -9.74
C LEU A 42 -8.93 9.27 -9.82
N ARG A 43 -8.91 9.93 -8.66
CA ARG A 43 -8.70 11.37 -8.59
C ARG A 43 -7.22 11.71 -8.62
N LEU A 44 -6.81 12.66 -9.48
CA LEU A 44 -5.40 13.03 -9.62
C LEU A 44 -5.23 14.55 -9.62
N ILE A 45 -4.37 15.05 -8.71
CA ILE A 45 -4.12 16.48 -8.57
C ILE A 45 -2.63 16.87 -8.54
N LYS A 46 -2.26 17.87 -9.35
CA LYS A 46 -0.90 18.36 -9.36
C LYS A 46 -0.66 19.19 -8.10
N GLU A 47 0.56 19.13 -7.56
CA GLU A 47 0.91 19.86 -6.34
C GLU A 47 1.80 21.08 -6.60
N PRO A 73 -6.71 18.47 -11.26
CA PRO A 73 -7.26 18.22 -12.61
C PRO A 73 -6.18 18.14 -13.68
N ILE A 74 -5.52 16.97 -13.74
CA ILE A 74 -4.46 16.72 -14.71
C ILE A 74 -4.88 15.69 -15.78
N LYS A 75 -4.66 16.04 -17.05
CA LYS A 75 -4.99 15.13 -18.14
C LYS A 75 -3.78 14.24 -18.33
N MET A 76 -3.97 12.94 -18.13
CA MET A 76 -2.96 11.89 -18.20
C MET A 76 -1.93 12.04 -19.32
N GLU A 77 -2.39 12.46 -20.50
CA GLU A 77 -1.55 12.64 -21.70
C GLU A 77 -0.52 13.77 -21.56
N LEU A 78 -0.88 14.80 -20.80
CA LEU A 78 -0.03 15.97 -20.63
C LEU A 78 0.80 15.96 -19.33
N LEU A 79 1.01 14.79 -18.73
CA LEU A 79 1.79 14.65 -17.50
C LEU A 79 3.23 15.05 -17.74
N PHE A 80 3.80 14.62 -18.87
CA PHE A 80 5.18 14.95 -19.19
C PHE A 80 5.35 16.23 -20.00
N ASP A 81 4.25 16.93 -20.30
CA ASP A 81 4.26 18.18 -21.03
C ASP A 81 4.54 19.31 -20.05
N PRO A 82 5.59 20.11 -20.29
CA PRO A 82 5.91 21.20 -19.36
C PRO A 82 4.81 22.24 -19.19
N ASP A 83 4.87 22.98 -18.08
CA ASP A 83 3.86 24.01 -17.77
C ASP A 83 4.12 25.35 -18.52
N ASP A 84 3.33 26.40 -18.21
CA ASP A 84 3.42 27.74 -18.81
C ASP A 84 4.82 28.37 -18.66
N GLU A 85 5.56 27.98 -17.60
CA GLU A 85 6.90 28.50 -17.34
C GLU A 85 7.98 27.68 -18.06
N HIS A 86 8.05 26.37 -17.77
CA HIS A 86 9.05 25.48 -18.35
C HIS A 86 8.94 25.29 -19.86
N SER A 87 10.08 25.30 -20.54
CA SER A 87 10.18 25.04 -21.98
C SER A 87 10.63 23.57 -22.19
N GLU A 88 11.53 23.08 -21.32
CA GLU A 88 12.00 21.69 -21.33
C GLU A 88 10.90 20.81 -20.70
N PRO A 89 10.69 19.59 -21.22
CA PRO A 89 9.63 18.73 -20.67
C PRO A 89 9.97 18.10 -19.33
N VAL A 90 8.96 17.58 -18.65
CA VAL A 90 9.16 16.93 -17.37
C VAL A 90 9.70 15.56 -17.63
N HIS A 91 10.76 15.18 -16.91
CA HIS A 91 11.33 13.86 -17.06
C HIS A 91 10.92 12.92 -15.95
N THR A 92 10.85 13.41 -14.70
CA THR A 92 10.42 12.57 -13.57
C THR A 92 9.06 13.04 -13.04
N VAL A 93 8.06 12.15 -12.94
CA VAL A 93 6.72 12.47 -12.40
C VAL A 93 6.44 11.55 -11.21
N VAL A 94 6.12 12.12 -10.04
CA VAL A 94 5.89 11.29 -8.84
C VAL A 94 4.45 11.20 -8.40
N PHE A 95 3.92 9.99 -8.39
CA PHE A 95 2.57 9.74 -7.91
C PHE A 95 2.60 9.31 -6.46
N GLN A 96 2.23 10.20 -5.55
CA GLN A 96 2.13 9.83 -4.13
C GLN A 96 0.67 9.54 -3.81
N GLY A 97 0.40 8.50 -3.03
CA GLY A 97 -0.97 8.13 -2.70
C GLY A 97 -1.07 7.14 -1.57
N ALA A 98 -2.26 7.03 -0.97
CA ALA A 98 -2.57 6.17 0.19
C ALA A 98 -2.34 4.66 -0.02
N ALA A 99 -2.25 3.87 1.08
CA ALA A 99 -2.09 2.42 0.97
C ALA A 99 -3.42 1.86 0.49
N GLY A 100 -3.41 1.15 -0.62
CA GLY A 100 -4.64 0.61 -1.20
C GLY A 100 -5.39 1.62 -2.05
N ILE A 101 -4.81 2.80 -2.32
CA ILE A 101 -5.44 3.81 -3.14
C ILE A 101 -5.49 3.43 -4.63
N GLY A 102 -4.64 2.49 -5.06
CA GLY A 102 -4.63 2.07 -6.45
C GLY A 102 -3.46 2.55 -7.29
N LYS A 103 -2.26 2.61 -6.69
CA LYS A 103 -1.05 3.03 -7.39
C LYS A 103 -0.64 1.98 -8.42
N THR A 104 -0.73 0.70 -8.03
CA THR A 104 -0.45 -0.45 -8.88
C THR A 104 -1.49 -0.54 -9.99
N ILE A 105 -2.76 -0.28 -9.66
CA ILE A 105 -3.82 -0.33 -10.65
C ILE A 105 -3.73 0.83 -11.64
N LEU A 106 -3.24 2.01 -11.21
CA LEU A 106 -3.06 3.13 -12.13
C LEU A 106 -1.90 2.87 -13.07
N ALA A 107 -0.81 2.27 -12.54
CA ALA A 107 0.38 1.93 -13.32
C ALA A 107 0.00 0.87 -14.34
N ARG A 108 -0.75 -0.16 -13.92
CA ARG A 108 -1.17 -1.22 -14.81
C ARG A 108 -2.18 -0.72 -15.85
N LYS A 109 -3.01 0.27 -15.49
CA LYS A 109 -3.96 0.87 -16.43
C LYS A 109 -3.22 1.70 -17.46
N MET A 110 -2.20 2.46 -17.03
CA MET A 110 -1.37 3.26 -17.95
C MET A 110 -0.68 2.32 -18.97
N MET A 111 -0.16 1.18 -18.47
CA MET A 111 0.50 0.17 -19.29
C MET A 111 -0.47 -0.36 -20.34
N LEU A 112 -1.68 -0.71 -19.90
CA LEU A 112 -2.68 -1.24 -20.79
C LEU A 112 -3.14 -0.22 -21.85
N ASP A 113 -3.45 1.03 -21.44
CA ASP A 113 -3.91 2.08 -22.35
C ASP A 113 -2.85 2.42 -23.39
N TRP A 114 -1.57 2.42 -22.97
CA TRP A 114 -0.43 2.71 -23.85
C TRP A 114 -0.30 1.64 -24.94
N ALA A 115 -0.25 0.36 -24.53
CA ALA A 115 -0.16 -0.76 -25.46
C ALA A 115 -1.38 -0.87 -26.37
N SER A 116 -2.54 -0.36 -25.91
CA SER A 116 -3.76 -0.32 -26.71
C SER A 116 -3.65 0.80 -27.79
N GLY A 117 -2.88 1.85 -27.51
CA GLY A 117 -2.68 2.98 -28.41
C GLY A 117 -3.12 4.30 -27.80
N THR A 118 -4.09 4.25 -26.87
CA THR A 118 -4.67 5.40 -26.17
C THR A 118 -3.63 6.34 -25.58
N LEU A 119 -2.69 5.78 -24.82
CA LEU A 119 -1.72 6.59 -24.10
C LEU A 119 -0.35 6.66 -24.73
N TYR A 120 0.19 7.89 -24.77
CA TYR A 120 1.51 8.25 -25.27
C TYR A 120 1.86 7.56 -26.58
N GLN A 121 0.91 7.57 -27.53
CA GLN A 121 1.09 6.93 -28.83
C GLN A 121 2.33 7.48 -29.57
N ASP A 122 2.47 8.81 -29.59
CA ASP A 122 3.60 9.47 -30.25
C ASP A 122 4.66 10.01 -29.30
N ARG A 123 4.52 9.77 -27.99
CA ARG A 123 5.45 10.25 -27.01
C ARG A 123 6.43 9.15 -26.59
N PHE A 124 5.96 7.91 -26.44
CA PHE A 124 6.83 6.80 -26.03
C PHE A 124 6.79 5.58 -26.93
N ASP A 125 7.95 4.96 -27.07
CA ASP A 125 8.16 3.72 -27.84
C ASP A 125 8.15 2.51 -26.91
N TYR A 126 8.61 2.66 -25.65
CA TYR A 126 8.65 1.58 -24.68
C TYR A 126 8.20 2.07 -23.31
N LEU A 127 7.47 1.24 -22.59
CA LEU A 127 7.02 1.56 -21.23
C LEU A 127 7.36 0.37 -20.35
N PHE A 128 8.42 0.46 -19.53
CA PHE A 128 8.83 -0.68 -18.70
C PHE A 128 8.26 -0.66 -17.33
N TYR A 129 7.48 -1.70 -16.99
CA TYR A 129 6.90 -1.80 -15.65
C TYR A 129 7.89 -2.47 -14.69
N ILE A 130 8.32 -1.70 -13.67
CA ILE A 130 9.28 -2.13 -12.65
C ILE A 130 8.55 -2.31 -11.33
N HIS A 131 8.12 -3.54 -11.03
CA HIS A 131 7.43 -3.82 -9.77
C HIS A 131 8.47 -3.81 -8.66
N CYS A 132 8.60 -2.68 -7.94
CA CYS A 132 9.62 -2.49 -6.91
C CYS A 132 9.69 -3.58 -5.87
N ARG A 133 8.55 -4.18 -5.48
CA ARG A 133 8.61 -5.27 -4.50
C ARG A 133 9.42 -6.48 -5.01
N GLU A 134 9.50 -6.65 -6.35
CA GLU A 134 10.24 -7.74 -6.98
C GLU A 134 11.73 -7.44 -7.20
N VAL A 135 12.12 -6.13 -7.16
CA VAL A 135 13.51 -5.68 -7.34
C VAL A 135 14.31 -5.83 -6.06
N SER A 136 15.44 -6.55 -6.12
CA SER A 136 16.29 -6.75 -4.96
C SER A 136 17.25 -5.57 -4.80
N LEU A 137 17.26 -4.93 -3.62
CA LEU A 137 18.14 -3.79 -3.34
C LEU A 137 19.63 -4.16 -3.25
N VAL A 138 19.96 -5.45 -3.11
CA VAL A 138 21.35 -5.87 -3.01
C VAL A 138 21.85 -6.52 -4.27
N THR A 139 20.97 -7.22 -5.00
CA THR A 139 21.31 -7.94 -6.22
C THR A 139 22.00 -7.06 -7.23
N GLN A 140 23.28 -7.35 -7.49
CA GLN A 140 24.06 -6.58 -8.44
C GLN A 140 23.55 -6.90 -9.82
N ARG A 141 22.95 -5.90 -10.47
CA ARG A 141 22.37 -6.03 -11.80
C ARG A 141 22.56 -4.75 -12.60
N SER A 142 22.52 -4.86 -13.93
CA SER A 142 22.69 -3.70 -14.80
C SER A 142 21.35 -3.09 -15.21
N LEU A 143 21.33 -1.85 -15.76
CA LEU A 143 20.07 -1.29 -16.25
C LEU A 143 19.52 -2.13 -17.43
N GLY A 144 20.42 -2.70 -18.23
CA GLY A 144 20.07 -3.59 -19.34
C GLY A 144 19.36 -4.83 -18.83
N ASP A 145 19.92 -5.48 -17.79
CA ASP A 145 19.32 -6.68 -17.18
C ASP A 145 17.90 -6.41 -16.71
N LEU A 146 17.65 -5.22 -16.17
CA LEU A 146 16.36 -4.82 -15.66
C LEU A 146 15.36 -4.71 -16.78
N ILE A 147 15.76 -4.13 -17.91
CA ILE A 147 14.88 -3.98 -19.06
C ILE A 147 14.49 -5.34 -19.65
N MET A 148 15.42 -6.29 -19.65
CA MET A 148 15.16 -7.63 -20.15
C MET A 148 14.26 -8.48 -19.24
N SER A 149 14.03 -8.01 -17.99
CA SER A 149 13.08 -8.65 -17.06
C SER A 149 11.67 -8.31 -17.52
N CYS A 150 11.45 -7.05 -17.99
CA CYS A 150 10.18 -6.59 -18.53
C CYS A 150 9.88 -7.22 -19.92
N CYS A 151 10.85 -7.91 -20.54
CA CYS A 151 10.66 -8.49 -21.86
C CYS A 151 10.25 -9.96 -21.83
N PRO A 152 9.28 -10.34 -22.68
CA PRO A 152 8.82 -11.74 -22.69
C PRO A 152 9.82 -12.71 -23.32
N ASP A 153 10.48 -12.29 -24.39
CA ASP A 153 11.43 -13.15 -25.10
C ASP A 153 12.77 -13.24 -24.34
N PRO A 154 13.56 -14.29 -24.61
CA PRO A 154 14.84 -14.43 -23.91
C PRO A 154 15.91 -13.44 -24.39
N ASN A 155 15.99 -13.18 -25.71
CA ASN A 155 16.98 -12.28 -26.25
C ASN A 155 16.34 -11.03 -26.85
N PRO A 156 15.98 -10.04 -26.02
CA PRO A 156 15.42 -8.79 -26.58
C PRO A 156 16.53 -7.94 -27.19
N PRO A 157 16.19 -7.06 -28.14
CA PRO A 157 17.22 -6.19 -28.74
C PRO A 157 17.50 -5.00 -27.82
N ILE A 158 18.26 -5.24 -26.74
CA ILE A 158 18.56 -4.26 -25.71
C ILE A 158 19.27 -3.02 -26.24
N HIS A 159 19.98 -3.13 -27.37
CA HIS A 159 20.64 -1.97 -27.96
C HIS A 159 19.68 -1.17 -28.80
N LYS A 160 18.76 -1.83 -29.52
CA LYS A 160 17.70 -1.15 -30.28
C LYS A 160 16.74 -0.44 -29.30
N ILE A 161 16.50 -1.05 -28.12
CA ILE A 161 15.65 -0.55 -27.06
C ILE A 161 16.22 0.74 -26.43
N VAL A 162 17.45 0.68 -25.87
CA VAL A 162 18.05 1.88 -25.28
C VAL A 162 18.66 2.83 -26.33
N ARG A 163 18.35 2.62 -27.62
CA ARG A 163 18.81 3.46 -28.73
C ARG A 163 18.25 4.87 -28.55
N LYS A 164 16.98 4.99 -28.16
CA LYS A 164 16.38 6.28 -27.91
C LYS A 164 15.84 6.36 -26.48
N PRO A 165 16.74 6.66 -25.50
CA PRO A 165 16.31 6.75 -24.11
C PRO A 165 15.17 7.71 -23.87
N SER A 166 15.13 8.85 -24.56
CA SER A 166 14.04 9.81 -24.39
C SER A 166 12.68 9.23 -24.74
N ARG A 167 12.62 8.18 -25.59
CA ARG A 167 11.37 7.54 -25.94
C ARG A 167 10.97 6.41 -24.95
N ILE A 168 11.73 6.24 -23.83
CA ILE A 168 11.49 5.21 -22.81
C ILE A 168 10.98 5.83 -21.52
N LEU A 169 9.88 5.27 -20.98
CA LEU A 169 9.28 5.68 -19.70
C LEU A 169 9.37 4.48 -18.75
N PHE A 170 9.99 4.71 -17.58
CA PHE A 170 10.15 3.70 -16.55
C PHE A 170 9.04 3.84 -15.56
N LEU A 171 8.12 2.87 -15.54
CA LEU A 171 7.02 2.87 -14.59
C LEU A 171 7.49 2.15 -13.34
N MET A 172 8.06 2.86 -12.35
CA MET A 172 8.55 2.27 -11.10
C MET A 172 7.42 2.18 -10.10
N ASP A 173 6.78 1.01 -9.98
CA ASP A 173 5.65 0.87 -9.08
C ASP A 173 6.03 0.47 -7.65
N GLY A 174 5.64 1.31 -6.70
CA GLY A 174 5.83 1.03 -5.30
C GLY A 174 7.24 1.24 -4.77
N PHE A 175 7.67 2.49 -4.72
CA PHE A 175 8.98 2.84 -4.19
C PHE A 175 9.08 2.46 -2.71
N ASP A 176 8.02 2.71 -1.94
CA ASP A 176 7.95 2.36 -0.53
C ASP A 176 8.04 0.83 -0.33
N GLU A 177 7.64 0.03 -1.36
CA GLU A 177 7.66 -1.44 -1.37
C GLU A 177 9.03 -2.03 -1.67
N LEU A 178 10.09 -1.20 -1.76
CA LEU A 178 11.44 -1.69 -2.00
C LEU A 178 11.95 -2.35 -0.72
N GLN A 179 11.99 -3.69 -0.71
CA GLN A 179 12.43 -4.42 0.47
C GLN A 179 13.88 -4.13 0.80
N GLY A 180 14.12 -3.79 2.07
CA GLY A 180 15.43 -3.43 2.58
C GLY A 180 15.59 -1.94 2.82
N ALA A 181 16.76 -1.51 3.29
CA ALA A 181 17.00 -0.09 3.51
C ALA A 181 17.48 0.60 2.23
N PHE A 182 16.81 1.70 1.86
CA PHE A 182 17.19 2.51 0.70
C PHE A 182 17.83 3.76 1.26
N ASP A 183 19.15 3.89 1.11
CA ASP A 183 19.85 5.04 1.69
C ASP A 183 20.18 6.11 0.70
N GLU A 184 20.12 7.36 1.15
CA GLU A 184 20.52 8.50 0.31
C GLU A 184 22.07 8.64 0.19
N HIS A 185 22.84 7.81 0.92
CA HIS A 185 24.28 7.87 0.90
C HIS A 185 24.96 6.84 0.03
N ILE A 186 24.20 5.88 -0.56
CA ILE A 186 24.75 4.82 -1.39
C ILE A 186 25.49 5.37 -2.61
N GLY A 187 26.55 4.69 -3.01
CA GLY A 187 27.35 5.14 -4.15
C GLY A 187 28.60 4.32 -4.38
N PRO A 188 29.42 4.64 -5.42
CA PRO A 188 29.27 5.73 -6.42
C PRO A 188 28.15 5.46 -7.41
N LEU A 189 27.54 6.52 -7.92
CA LEU A 189 26.44 6.42 -8.88
C LEU A 189 26.83 5.74 -10.22
N CYS A 190 25.83 5.42 -11.05
CA CYS A 190 26.07 4.75 -12.31
C CYS A 190 25.67 5.59 -13.51
N THR A 191 26.53 5.61 -14.52
CA THR A 191 26.29 6.27 -15.80
C THR A 191 26.47 5.32 -16.98
N ASP A 192 26.43 4.01 -16.74
CA ASP A 192 26.62 2.99 -17.76
C ASP A 192 25.41 2.07 -17.71
N TRP A 193 24.57 2.08 -18.76
CA TRP A 193 23.40 1.22 -18.76
C TRP A 193 23.78 -0.27 -18.78
N GLN A 194 24.93 -0.60 -19.39
CA GLN A 194 25.41 -1.97 -19.47
C GLN A 194 26.09 -2.45 -18.17
N LYS A 195 26.55 -1.52 -17.30
CA LYS A 195 27.26 -1.87 -16.07
C LYS A 195 26.37 -2.42 -14.99
N ALA A 196 26.81 -3.50 -14.35
CA ALA A 196 26.05 -4.10 -13.26
C ALA A 196 26.43 -3.57 -11.88
N GLU A 197 25.51 -2.87 -11.26
CA GLU A 197 25.72 -2.31 -9.91
C GLU A 197 24.68 -2.83 -8.93
N ARG A 198 24.92 -2.71 -7.59
CA ARG A 198 23.98 -3.12 -6.52
C ARG A 198 22.57 -2.56 -6.79
N GLY A 199 21.54 -3.34 -6.53
CA GLY A 199 20.15 -2.92 -6.79
C GLY A 199 19.82 -1.49 -6.41
N ASP A 200 20.23 -1.10 -5.21
CA ASP A 200 20.00 0.25 -4.70
C ASP A 200 20.75 1.30 -5.51
N ILE A 201 22.05 1.08 -5.79
CA ILE A 201 22.87 1.99 -6.59
C ILE A 201 22.27 2.13 -7.99
N LEU A 202 21.74 1.05 -8.53
CA LEU A 202 21.13 1.03 -9.85
C LEU A 202 19.85 1.86 -9.85
N LEU A 203 18.94 1.60 -8.90
CA LEU A 203 17.68 2.33 -8.81
C LEU A 203 17.92 3.79 -8.46
N SER A 204 18.87 4.06 -7.56
CA SER A 204 19.23 5.40 -7.15
C SER A 204 19.76 6.20 -8.34
N SER A 205 20.56 5.55 -9.21
CA SER A 205 21.14 6.18 -10.39
C SER A 205 20.09 6.50 -11.44
N LEU A 206 19.05 5.65 -11.54
CA LEU A 206 17.96 5.85 -12.48
C LEU A 206 17.07 7.01 -11.99
N ILE A 207 16.79 7.06 -10.67
CA ILE A 207 15.96 8.09 -10.04
C ILE A 207 16.65 9.44 -10.15
N ARG A 208 17.95 9.48 -9.82
CA ARG A 208 18.75 10.71 -9.91
C ARG A 208 19.02 11.15 -11.37
N LYS A 209 18.51 10.40 -12.36
CA LYS A 209 18.68 10.66 -13.77
C LYS A 209 20.14 10.66 -14.21
N LYS A 210 20.96 9.82 -13.57
CA LYS A 210 22.39 9.62 -13.89
C LYS A 210 22.52 8.58 -15.03
N LEU A 211 21.67 7.54 -14.94
CA LEU A 211 21.51 6.43 -15.88
C LEU A 211 20.36 6.85 -16.80
N LEU A 212 20.62 6.91 -18.13
CA LEU A 212 19.64 7.35 -19.15
C LEU A 212 19.02 8.73 -18.75
N PRO A 213 19.84 9.81 -18.65
CA PRO A 213 19.29 11.10 -18.15
C PRO A 213 18.01 11.62 -18.81
N GLU A 214 17.83 11.40 -20.13
CA GLU A 214 16.62 11.86 -20.80
C GLU A 214 15.50 10.83 -20.87
N ALA A 215 15.66 9.66 -20.22
CA ALA A 215 14.59 8.68 -20.15
C ALA A 215 13.60 9.19 -19.10
N SER A 216 12.30 9.04 -19.37
CA SER A 216 11.29 9.49 -18.42
C SER A 216 11.03 8.47 -17.31
N LEU A 217 10.58 8.96 -16.15
CA LEU A 217 10.33 8.17 -14.95
C LEU A 217 8.97 8.47 -14.32
N LEU A 218 8.25 7.41 -13.92
CA LEU A 218 7.01 7.58 -13.16
C LEU A 218 7.16 6.71 -11.91
N ILE A 219 7.39 7.35 -10.76
CA ILE A 219 7.56 6.62 -9.51
C ILE A 219 6.30 6.72 -8.69
N THR A 220 5.74 5.59 -8.26
CA THR A 220 4.57 5.60 -7.40
C THR A 220 5.01 5.20 -5.99
N THR A 221 4.51 5.89 -4.93
CA THR A 221 4.90 5.61 -3.55
C THR A 221 3.91 6.18 -2.53
N ARG A 222 3.87 5.58 -1.33
CA ARG A 222 3.08 6.10 -0.22
C ARG A 222 3.83 7.33 0.29
N PRO A 223 3.11 8.35 0.80
CA PRO A 223 3.79 9.58 1.20
C PRO A 223 4.79 9.43 2.35
N VAL A 224 4.77 8.28 3.07
CA VAL A 224 5.72 7.99 4.14
C VAL A 224 7.15 8.00 3.58
N ALA A 225 7.36 7.26 2.47
CA ALA A 225 8.63 7.14 1.80
C ALA A 225 9.01 8.33 0.95
N LEU A 226 8.18 9.39 0.90
CA LEU A 226 8.48 10.58 0.13
C LEU A 226 9.69 11.36 0.67
N GLU A 227 10.03 11.16 1.96
CA GLU A 227 11.18 11.78 2.61
C GLU A 227 12.47 11.32 1.91
N LYS A 228 12.56 10.00 1.63
CA LYS A 228 13.68 9.33 1.03
C LYS A 228 13.75 9.72 -0.42
N LEU A 229 12.62 9.65 -1.13
CA LEU A 229 12.51 9.94 -2.55
C LEU A 229 12.83 11.39 -2.91
N GLN A 230 12.43 12.35 -2.06
CA GLN A 230 12.71 13.77 -2.33
C GLN A 230 14.21 14.05 -2.51
N HIS A 231 15.07 13.29 -1.82
CA HIS A 231 16.53 13.46 -1.89
C HIS A 231 17.21 12.88 -3.17
N LEU A 232 16.42 12.38 -4.12
CA LEU A 232 16.99 11.84 -5.36
C LEU A 232 16.37 12.50 -6.61
N LEU A 233 15.13 12.98 -6.49
CA LEU A 233 14.35 13.56 -7.57
C LEU A 233 14.94 14.83 -8.21
N ASP A 234 15.15 14.78 -9.54
CA ASP A 234 15.65 15.90 -10.33
C ASP A 234 14.48 16.60 -10.99
N HIS A 235 13.96 17.66 -10.34
CA HIS A 235 12.80 18.42 -10.81
C HIS A 235 11.57 17.54 -11.10
N PRO A 236 11.04 16.84 -10.09
CA PRO A 236 9.86 16.01 -10.32
C PRO A 236 8.57 16.84 -10.43
N ARG A 237 7.53 16.26 -10.98
CA ARG A 237 6.22 16.91 -11.04
C ARG A 237 5.39 16.05 -10.13
N HIS A 238 5.02 16.56 -8.94
CA HIS A 238 4.26 15.76 -7.99
C HIS A 238 2.81 15.74 -8.26
N VAL A 239 2.23 14.55 -8.15
CA VAL A 239 0.80 14.29 -8.37
C VAL A 239 0.31 13.46 -7.21
N GLU A 240 -0.92 13.71 -6.75
CA GLU A 240 -1.47 12.95 -5.64
C GLU A 240 -2.72 12.14 -5.97
N ILE A 241 -2.66 10.81 -5.81
CA ILE A 241 -3.82 9.95 -6.03
C ILE A 241 -4.77 10.07 -4.84
N LEU A 242 -5.97 10.56 -5.10
CA LEU A 242 -6.95 10.79 -4.06
C LEU A 242 -8.16 9.85 -4.15
N GLY A 243 -7.91 8.60 -4.55
CA GLY A 243 -8.95 7.57 -4.67
C GLY A 243 -10.18 7.99 -5.45
N PHE A 244 -11.33 7.44 -5.10
CA PHE A 244 -12.58 7.76 -5.77
C PHE A 244 -13.21 9.05 -5.27
N SER A 245 -13.91 9.73 -6.18
CA SER A 245 -14.71 10.90 -5.86
C SER A 245 -16.03 10.40 -5.21
N GLU A 246 -16.91 11.32 -4.74
CA GLU A 246 -18.18 10.88 -4.16
C GLU A 246 -19.04 10.12 -5.21
N ALA A 247 -18.88 10.47 -6.49
CA ALA A 247 -19.58 9.80 -7.59
C ALA A 247 -18.88 8.48 -7.98
N LYS A 248 -17.53 8.49 -8.14
CA LYS A 248 -16.75 7.28 -8.48
C LYS A 248 -16.78 6.22 -7.35
N ARG A 249 -17.25 6.58 -6.15
CA ARG A 249 -17.41 5.66 -5.02
C ARG A 249 -18.65 4.80 -5.30
N LYS A 250 -19.75 5.44 -5.69
CA LYS A 250 -21.00 4.80 -6.06
C LYS A 250 -20.75 3.93 -7.29
N GLU A 251 -20.01 4.46 -8.28
CA GLU A 251 -19.65 3.78 -9.53
C GLU A 251 -18.98 2.43 -9.27
N TYR A 252 -18.08 2.34 -8.27
CA TYR A 252 -17.42 1.09 -7.94
C TYR A 252 -18.43 0.09 -7.44
N PHE A 253 -19.34 0.53 -6.56
CA PHE A 253 -20.40 -0.33 -6.03
C PHE A 253 -21.34 -0.88 -7.13
N PHE A 254 -21.38 -0.23 -8.30
CA PHE A 254 -22.22 -0.66 -9.39
C PHE A 254 -21.44 -1.49 -10.45
N LYS A 255 -20.13 -1.28 -10.56
CA LYS A 255 -19.29 -2.11 -11.42
C LYS A 255 -19.06 -3.46 -10.71
N TYR A 256 -18.97 -3.46 -9.36
CA TYR A 256 -18.78 -4.64 -8.53
C TYR A 256 -20.05 -5.46 -8.51
N PHE A 257 -21.16 -4.86 -8.08
CA PHE A 257 -22.43 -5.59 -8.02
C PHE A 257 -23.15 -5.56 -9.35
N SER A 258 -23.19 -6.70 -10.04
CA SER A 258 -23.88 -6.80 -11.31
C SER A 258 -25.40 -6.53 -11.16
N ASP A 259 -25.96 -6.76 -9.96
CA ASP A 259 -27.37 -6.49 -9.74
C ASP A 259 -27.52 -5.07 -9.17
N GLU A 260 -28.55 -4.33 -9.67
CA GLU A 260 -28.87 -2.97 -9.24
C GLU A 260 -29.44 -3.03 -7.82
N ALA A 261 -30.41 -3.95 -7.58
CA ALA A 261 -31.01 -4.16 -6.27
C ALA A 261 -29.98 -4.50 -5.18
N GLN A 262 -28.82 -5.04 -5.58
CA GLN A 262 -27.71 -5.36 -4.68
C GLN A 262 -26.85 -4.11 -4.51
N ALA A 263 -26.45 -3.47 -5.63
CA ALA A 263 -25.59 -2.28 -5.70
C ALA A 263 -26.16 -1.06 -4.97
N ARG A 264 -27.47 -0.84 -5.09
CA ARG A 264 -28.19 0.24 -4.44
C ARG A 264 -28.21 0.00 -2.93
N ALA A 265 -28.45 -1.25 -2.51
CA ALA A 265 -28.50 -1.64 -1.10
C ALA A 265 -27.11 -1.62 -0.44
N ALA A 266 -26.08 -2.01 -1.18
CA ALA A 266 -24.72 -2.01 -0.65
C ALA A 266 -24.20 -0.58 -0.54
N PHE A 267 -24.55 0.30 -1.48
CA PHE A 267 -24.16 1.70 -1.40
C PHE A 267 -24.96 2.43 -0.32
N SER A 268 -26.21 2.01 -0.08
CA SER A 268 -27.03 2.58 0.97
C SER A 268 -26.40 2.33 2.34
N LEU A 269 -25.76 1.16 2.54
CA LEU A 269 -25.07 0.84 3.79
C LEU A 269 -23.91 1.81 4.03
N ILE A 270 -23.23 2.22 2.95
CA ILE A 270 -22.12 3.15 3.02
C ILE A 270 -22.62 4.57 3.27
N GLN A 271 -23.77 4.95 2.71
CA GLN A 271 -24.34 6.29 2.90
C GLN A 271 -24.86 6.48 4.34
N GLU A 272 -25.45 5.42 4.90
CA GLU A 272 -25.96 5.43 6.27
C GLU A 272 -24.83 5.45 7.31
N ASN A 273 -23.61 5.00 6.93
CA ASN A 273 -22.44 4.97 7.80
C ASN A 273 -21.48 6.09 7.44
N GLU A 274 -21.27 7.03 8.37
CA GLU A 274 -20.39 8.19 8.24
C GLU A 274 -18.93 7.78 8.08
N VAL A 275 -18.48 6.82 8.91
CA VAL A 275 -17.10 6.37 8.85
C VAL A 275 -16.80 5.60 7.58
N LEU A 276 -17.67 4.66 7.22
CA LEU A 276 -17.48 3.86 6.01
C LEU A 276 -17.51 4.69 4.75
N PHE A 277 -18.42 5.67 4.67
CA PHE A 277 -18.52 6.56 3.51
C PHE A 277 -17.20 7.30 3.30
N THR A 278 -16.66 7.90 4.38
CA THR A 278 -15.41 8.63 4.37
C THR A 278 -14.26 7.71 3.95
N MET A 279 -14.21 6.53 4.55
CA MET A 279 -13.17 5.53 4.27
C MET A 279 -13.20 5.01 2.84
N CYS A 280 -14.38 4.95 2.22
CA CYS A 280 -14.53 4.33 0.92
C CYS A 280 -14.04 5.15 -0.24
N PHE A 281 -13.33 6.27 -0.01
CA PHE A 281 -12.67 6.95 -1.12
C PHE A 281 -11.48 6.04 -1.56
N ILE A 282 -10.84 5.33 -0.60
CA ILE A 282 -9.76 4.36 -0.82
C ILE A 282 -10.35 3.13 -1.49
N PRO A 283 -9.94 2.85 -2.75
CA PRO A 283 -10.48 1.70 -3.49
C PRO A 283 -10.34 0.33 -2.82
N LEU A 284 -9.26 0.09 -2.06
CA LEU A 284 -9.12 -1.17 -1.35
C LEU A 284 -10.23 -1.29 -0.30
N VAL A 285 -10.59 -0.17 0.37
CA VAL A 285 -11.69 -0.14 1.32
C VAL A 285 -13.01 -0.50 0.61
N CYS A 286 -13.22 -0.01 -0.63
CA CYS A 286 -14.41 -0.33 -1.43
C CYS A 286 -14.43 -1.82 -1.74
N TRP A 287 -13.29 -2.37 -2.14
CA TRP A 287 -13.19 -3.78 -2.47
C TRP A 287 -13.49 -4.64 -1.25
N ILE A 288 -12.92 -4.27 -0.10
CA ILE A 288 -13.09 -4.99 1.14
C ILE A 288 -14.55 -4.97 1.55
N VAL A 289 -15.19 -3.78 1.59
CA VAL A 289 -16.59 -3.62 2.01
C VAL A 289 -17.54 -4.35 1.07
N CYS A 290 -17.31 -4.24 -0.24
CA CYS A 290 -18.16 -4.92 -1.20
C CYS A 290 -18.02 -6.43 -1.07
N THR A 291 -16.80 -6.94 -0.82
CA THR A 291 -16.60 -8.38 -0.69
C THR A 291 -17.17 -8.92 0.62
N GLY A 292 -17.12 -8.12 1.68
CA GLY A 292 -17.68 -8.51 2.97
C GLY A 292 -19.19 -8.60 2.85
N LEU A 293 -19.81 -7.56 2.26
CA LEU A 293 -21.26 -7.48 2.03
C LEU A 293 -21.74 -8.52 1.01
N LYS A 294 -20.85 -8.99 0.12
CA LYS A 294 -21.14 -10.02 -0.87
C LYS A 294 -21.28 -11.36 -0.14
N GLN A 295 -20.36 -11.65 0.81
CA GLN A 295 -20.41 -12.88 1.61
C GLN A 295 -21.65 -12.84 2.53
N GLN A 296 -21.94 -11.68 3.10
CA GLN A 296 -23.13 -11.47 3.96
C GLN A 296 -24.41 -11.67 3.12
N MET A 297 -24.38 -11.20 1.85
CA MET A 297 -25.49 -11.35 0.93
C MET A 297 -25.74 -12.81 0.63
N GLU A 298 -24.66 -13.62 0.48
CA GLU A 298 -24.77 -15.06 0.20
C GLU A 298 -25.68 -15.81 1.20
N SER A 299 -25.83 -15.26 2.42
CA SER A 299 -26.72 -15.80 3.44
C SER A 299 -27.97 -14.89 3.60
N GLY A 300 -29.00 -15.38 4.31
CA GLY A 300 -30.22 -14.61 4.59
C GLY A 300 -30.03 -13.60 5.70
N LYS A 301 -28.90 -12.87 5.65
CA LYS A 301 -28.49 -11.85 6.61
C LYS A 301 -28.69 -10.44 6.06
N SER A 302 -29.63 -9.68 6.69
CA SER A 302 -29.95 -8.29 6.36
C SER A 302 -28.68 -7.43 6.41
N LEU A 303 -28.39 -6.67 5.34
CA LEU A 303 -27.20 -5.84 5.25
C LEU A 303 -27.00 -4.91 6.43
N ALA A 304 -25.81 -4.96 7.05
CA ALA A 304 -25.42 -4.12 8.18
C ALA A 304 -23.92 -4.20 8.45
N GLN A 305 -23.25 -3.07 8.37
CA GLN A 305 -21.85 -3.01 8.73
C GLN A 305 -21.74 -1.83 9.64
N THR A 306 -21.69 -2.11 10.95
CA THR A 306 -21.58 -1.09 11.97
C THR A 306 -20.11 -0.92 12.32
N SER A 307 -19.24 -0.78 11.30
CA SER A 307 -17.81 -0.63 11.53
C SER A 307 -17.43 0.84 11.60
N LYS A 308 -16.65 1.19 12.62
CA LYS A 308 -16.23 2.57 12.87
C LYS A 308 -14.72 2.79 12.82
N THR A 309 -13.91 1.73 12.72
CA THR A 309 -12.44 1.88 12.64
C THR A 309 -11.89 1.06 11.48
N THR A 310 -10.68 1.40 10.98
CA THR A 310 -10.02 0.62 9.93
C THR A 310 -9.77 -0.82 10.42
N THR A 311 -9.48 -0.99 11.72
CA THR A 311 -9.30 -2.31 12.32
C THR A 311 -10.61 -3.09 12.24
N ALA A 312 -11.77 -2.45 12.56
CA ALA A 312 -13.09 -3.09 12.48
C ALA A 312 -13.44 -3.52 11.07
N VAL A 313 -12.99 -2.75 10.07
CA VAL A 313 -13.22 -3.04 8.65
C VAL A 313 -12.44 -4.29 8.25
N TYR A 314 -11.20 -4.40 8.72
CA TYR A 314 -10.36 -5.55 8.41
C TYR A 314 -10.77 -6.79 9.19
N VAL A 315 -11.27 -6.62 10.41
CA VAL A 315 -11.73 -7.73 11.24
C VAL A 315 -13.08 -8.25 10.72
N PHE A 316 -13.96 -7.35 10.25
CA PHE A 316 -15.25 -7.70 9.67
C PHE A 316 -15.03 -8.49 8.37
N PHE A 317 -14.05 -8.07 7.55
CA PHE A 317 -13.68 -8.71 6.28
C PHE A 317 -13.14 -10.10 6.53
N LEU A 318 -12.22 -10.24 7.49
CA LEU A 318 -11.61 -11.52 7.80
C LEU A 318 -12.61 -12.50 8.38
N SER A 319 -13.57 -12.00 9.17
CA SER A 319 -14.63 -12.82 9.74
C SER A 319 -15.60 -13.37 8.70
N SER A 320 -15.67 -12.74 7.50
CA SER A 320 -16.49 -13.26 6.41
C SER A 320 -15.88 -14.59 5.95
N LEU A 321 -14.53 -14.63 5.83
CA LEU A 321 -13.76 -15.79 5.36
C LEU A 321 -13.57 -16.89 6.41
N LEU A 322 -14.04 -16.68 7.65
CA LEU A 322 -13.92 -17.70 8.70
C LEU A 322 -15.12 -18.67 8.70
N GLN A 323 -15.01 -19.74 7.87
CA GLN A 323 -16.02 -20.79 7.71
C GLN A 323 -16.31 -21.56 9.02
N GLY A 332 -8.54 -23.62 6.09
CA GLY A 332 -9.15 -22.99 7.27
C GLY A 332 -8.31 -21.86 7.83
N LEU A 333 -8.98 -20.81 8.32
CA LEU A 333 -8.27 -19.67 8.90
C LEU A 333 -8.49 -19.54 10.41
N CYS A 334 -8.63 -20.67 11.10
CA CYS A 334 -8.80 -20.68 12.56
C CYS A 334 -7.68 -21.50 13.19
N ALA A 335 -7.48 -22.73 12.71
CA ALA A 335 -6.37 -23.56 13.18
C ALA A 335 -5.05 -23.06 12.54
N HIS A 336 -5.11 -22.57 11.28
CA HIS A 336 -3.94 -22.05 10.58
C HIS A 336 -3.75 -20.55 10.75
N LEU A 337 -4.21 -20.00 11.89
CA LEU A 337 -4.05 -18.59 12.20
C LEU A 337 -2.64 -18.33 12.75
N TRP A 338 -2.06 -19.31 13.48
CA TRP A 338 -0.71 -19.18 14.00
C TRP A 338 0.33 -19.10 12.89
N GLY A 339 0.10 -19.84 11.81
CA GLY A 339 0.99 -19.83 10.67
C GLY A 339 0.88 -18.55 9.88
N LEU A 340 -0.35 -18.12 9.60
CA LEU A 340 -0.61 -16.90 8.84
C LEU A 340 -0.04 -15.67 9.50
N CYS A 341 -0.08 -15.61 10.82
CA CYS A 341 0.42 -14.45 11.55
C CYS A 341 1.92 -14.49 11.73
N SER A 342 2.51 -15.67 11.90
CA SER A 342 3.96 -15.79 12.04
C SER A 342 4.66 -15.52 10.72
N LEU A 343 4.03 -15.91 9.59
CA LEU A 343 4.57 -15.70 8.24
C LEU A 343 4.56 -14.20 7.93
N ALA A 344 3.47 -13.51 8.26
CA ALA A 344 3.38 -12.08 8.02
C ALA A 344 4.32 -11.29 8.93
N ALA A 345 4.56 -11.77 10.15
CA ALA A 345 5.45 -11.08 11.08
C ALA A 345 6.91 -11.31 10.71
N ASP A 346 7.24 -12.53 10.31
CA ASP A 346 8.58 -12.84 9.87
C ASP A 346 8.91 -12.11 8.55
N GLY A 347 7.89 -11.92 7.70
CA GLY A 347 8.03 -11.20 6.43
C GLY A 347 8.03 -9.69 6.54
N ILE A 348 7.90 -9.16 7.75
CA ILE A 348 7.94 -7.73 7.99
C ILE A 348 9.26 -7.42 8.72
N TRP A 349 9.64 -8.25 9.69
CA TRP A 349 10.88 -8.08 10.43
C TRP A 349 12.11 -8.21 9.57
N ASN A 350 12.03 -8.99 8.49
CA ASN A 350 13.17 -9.18 7.59
C ASN A 350 12.91 -8.74 6.15
N GLN A 351 11.88 -7.91 5.94
CA GLN A 351 11.48 -7.40 4.63
C GLN A 351 11.34 -8.48 3.57
N LYS A 352 10.17 -9.11 3.54
CA LYS A 352 9.82 -10.15 2.58
C LYS A 352 8.33 -10.01 2.24
N ILE A 353 7.99 -9.48 1.06
CA ILE A 353 6.59 -9.41 0.63
C ILE A 353 6.28 -10.75 -0.05
N LEU A 354 7.12 -11.15 -1.01
CA LEU A 354 6.96 -12.39 -1.75
C LEU A 354 7.58 -13.53 -0.98
N PHE A 355 6.76 -14.50 -0.58
CA PHE A 355 7.23 -15.69 0.14
C PHE A 355 7.19 -16.87 -0.80
N GLU A 356 8.34 -17.52 -1.01
CA GLU A 356 8.39 -18.70 -1.87
C GLU A 356 7.68 -19.91 -1.20
N GLU A 357 7.57 -21.05 -1.90
CA GLU A 357 6.94 -22.25 -1.36
C GLU A 357 7.60 -22.69 -0.05
N SER A 358 8.94 -22.53 0.06
CA SER A 358 9.71 -22.90 1.24
C SER A 358 9.47 -22.02 2.47
N ASP A 359 9.12 -20.73 2.27
CA ASP A 359 8.88 -19.82 3.39
C ASP A 359 7.59 -20.23 4.11
N LEU A 360 6.49 -20.34 3.36
CA LEU A 360 5.18 -20.69 3.90
C LEU A 360 5.02 -22.18 4.25
N ARG A 361 5.96 -23.04 3.82
CA ARG A 361 5.89 -24.46 4.19
C ARG A 361 6.44 -24.59 5.60
N ASN A 362 7.60 -23.97 5.87
CA ASN A 362 8.23 -23.95 7.19
C ASN A 362 7.36 -23.22 8.23
N HIS A 363 6.43 -22.35 7.79
CA HIS A 363 5.54 -21.62 8.67
C HIS A 363 4.24 -22.36 9.02
N GLY A 364 4.06 -23.57 8.51
CA GLY A 364 2.87 -24.36 8.83
C GLY A 364 1.88 -24.57 7.70
N LEU A 365 1.52 -23.51 6.99
CA LEU A 365 0.56 -23.58 5.89
C LEU A 365 1.07 -24.49 4.77
N GLN A 366 0.46 -25.66 4.62
CA GLN A 366 0.88 -26.66 3.64
C GLN A 366 0.35 -26.36 2.19
N LYS A 367 0.49 -27.34 1.25
CA LYS A 367 0.08 -27.25 -0.16
C LYS A 367 -1.44 -27.09 -0.32
N ALA A 368 -2.22 -27.73 0.57
CA ALA A 368 -3.69 -27.65 0.55
C ALA A 368 -4.23 -26.46 1.37
N ASP A 369 -3.46 -25.97 2.36
CA ASP A 369 -3.88 -24.82 3.15
C ASP A 369 -3.83 -23.56 2.33
N VAL A 370 -2.79 -23.43 1.47
CA VAL A 370 -2.65 -22.27 0.58
C VAL A 370 -3.79 -22.20 -0.45
N SER A 371 -4.39 -23.35 -0.81
CA SER A 371 -5.54 -23.41 -1.70
C SER A 371 -6.80 -22.87 -0.98
N ALA A 372 -6.91 -23.11 0.35
CA ALA A 372 -8.01 -22.58 1.16
C ALA A 372 -7.87 -21.05 1.40
N PHE A 373 -6.67 -20.47 1.16
CA PHE A 373 -6.40 -19.04 1.29
C PHE A 373 -6.48 -18.34 -0.07
N LEU A 374 -6.10 -19.03 -1.15
CA LEU A 374 -6.13 -18.47 -2.50
C LEU A 374 -7.56 -18.27 -3.03
N ARG A 375 -8.40 -19.32 -2.98
CA ARG A 375 -9.79 -19.29 -3.46
C ARG A 375 -10.68 -18.32 -2.69
N MET A 376 -10.51 -18.23 -1.38
CA MET A 376 -11.29 -17.30 -0.55
C MET A 376 -10.78 -15.84 -0.64
N ASN A 377 -9.71 -15.58 -1.42
CA ASN A 377 -9.06 -14.29 -1.61
C ASN A 377 -8.38 -13.79 -0.32
N LEU A 378 -7.22 -14.39 -0.01
CA LEU A 378 -6.35 -14.08 1.14
C LEU A 378 -4.86 -14.25 0.76
N PHE A 379 -4.56 -15.08 -0.27
CA PHE A 379 -3.22 -15.29 -0.79
C PHE A 379 -3.21 -15.29 -2.32
N GLN A 380 -2.10 -14.86 -2.94
CA GLN A 380 -2.04 -14.78 -4.40
C GLN A 380 -0.70 -15.21 -5.00
N LYS A 381 -0.73 -15.68 -6.25
CA LYS A 381 0.46 -16.10 -6.96
C LYS A 381 1.01 -14.89 -7.74
N GLU A 382 2.20 -14.39 -7.37
CA GLU A 382 2.79 -13.25 -8.08
C GLU A 382 4.19 -13.60 -8.68
N VAL A 383 5.02 -12.59 -9.08
CA VAL A 383 6.35 -12.73 -9.69
C VAL A 383 6.29 -13.49 -11.03
N ASP A 384 5.36 -13.06 -11.91
CA ASP A 384 5.12 -13.63 -13.24
C ASP A 384 4.63 -15.12 -13.12
N CYS A 385 5.08 -16.07 -13.97
CA CYS A 385 4.65 -17.47 -13.91
C CYS A 385 5.51 -18.32 -12.96
N GLU A 386 5.97 -17.74 -11.84
CA GLU A 386 6.81 -18.42 -10.85
C GLU A 386 6.07 -18.65 -9.52
N LYS A 387 6.39 -19.77 -8.82
CA LYS A 387 5.77 -20.19 -7.55
C LYS A 387 6.15 -19.31 -6.37
N PHE A 388 5.64 -18.08 -6.36
CA PHE A 388 5.86 -17.11 -5.31
C PHE A 388 4.52 -16.63 -4.81
N TYR A 389 4.34 -16.63 -3.49
CA TYR A 389 3.07 -16.23 -2.90
C TYR A 389 3.19 -15.05 -1.95
N SER A 390 2.45 -13.98 -2.24
CA SER A 390 2.42 -12.77 -1.43
C SER A 390 0.99 -12.50 -0.89
N PHE A 391 0.84 -11.64 0.13
CA PHE A 391 -0.49 -11.35 0.67
C PHE A 391 -1.32 -10.54 -0.31
N ILE A 392 -2.67 -10.60 -0.22
CA ILE A 392 -3.56 -9.86 -1.13
C ILE A 392 -3.22 -8.35 -1.19
N HIS A 393 -2.65 -7.82 -0.12
CA HIS A 393 -2.17 -6.43 -0.04
C HIS A 393 -1.19 -6.29 1.12
N MET A 394 -0.29 -5.32 1.04
CA MET A 394 0.66 -5.06 2.11
C MET A 394 -0.07 -4.69 3.44
N THR A 395 -1.28 -4.10 3.35
CA THR A 395 -2.06 -3.80 4.55
C THR A 395 -2.55 -5.06 5.25
N PHE A 396 -2.80 -6.13 4.50
CA PHE A 396 -3.19 -7.42 5.07
C PHE A 396 -1.99 -8.12 5.71
N GLN A 397 -0.77 -7.89 5.19
CA GLN A 397 0.43 -8.45 5.79
C GLN A 397 0.71 -7.68 7.10
N GLU A 398 0.55 -6.34 7.09
CA GLU A 398 0.72 -5.55 8.31
C GLU A 398 -0.34 -5.89 9.38
N PHE A 399 -1.52 -6.40 8.96
CA PHE A 399 -2.60 -6.82 9.85
C PHE A 399 -2.21 -8.12 10.55
N PHE A 400 -1.78 -9.11 9.78
CA PHE A 400 -1.34 -10.37 10.34
C PHE A 400 -0.06 -10.24 11.15
N ALA A 401 0.78 -9.22 10.86
CA ALA A 401 1.98 -8.94 11.63
C ALA A 401 1.57 -8.43 13.01
N ALA A 402 0.53 -7.57 13.07
CA ALA A 402 -0.01 -7.01 14.29
C ALA A 402 -0.73 -8.06 15.12
N MET A 403 -1.44 -8.96 14.46
CA MET A 403 -2.17 -10.02 15.15
C MET A 403 -1.24 -11.04 15.82
N TYR A 404 -0.05 -11.27 15.23
CA TYR A 404 0.96 -12.20 15.75
C TYR A 404 1.30 -11.92 17.21
N TYR A 405 1.48 -10.65 17.56
CA TYR A 405 1.81 -10.21 18.91
C TYR A 405 0.67 -10.40 19.94
N LEU A 406 -0.55 -10.66 19.47
CA LEU A 406 -1.71 -10.81 20.35
C LEU A 406 -2.30 -12.23 20.45
N LEU A 407 -1.79 -13.19 19.69
CA LEU A 407 -2.33 -14.56 19.73
C LEU A 407 -1.99 -15.33 21.00
N GLU A 408 -3.00 -15.96 21.63
CA GLU A 408 -2.78 -16.76 22.84
C GLU A 408 -1.87 -17.98 22.57
N GLU A 409 -0.59 -17.93 22.97
CA GLU A 409 0.32 -19.06 22.76
C GLU A 409 0.13 -20.14 23.83
N PRO A 425 10.30 -15.48 14.83
CA PRO A 425 10.45 -14.12 15.33
C PRO A 425 10.08 -13.95 16.81
N SER A 426 10.28 -12.75 17.37
CA SER A 426 9.96 -12.46 18.76
C SER A 426 8.71 -11.59 18.86
N ARG A 427 8.01 -11.71 19.99
CA ARG A 427 6.78 -10.96 20.23
C ARG A 427 7.01 -9.76 21.16
N ASP A 428 8.15 -9.10 21.01
CA ASP A 428 8.47 -7.93 21.82
C ASP A 428 7.97 -6.67 21.14
N VAL A 429 6.87 -6.11 21.64
CA VAL A 429 6.34 -4.86 21.08
C VAL A 429 7.33 -3.68 21.30
N THR A 430 8.21 -3.79 22.33
CA THR A 430 9.24 -2.82 22.67
C THR A 430 10.24 -2.67 21.52
N VAL A 431 10.75 -3.80 21.01
CA VAL A 431 11.69 -3.75 19.89
C VAL A 431 11.00 -3.56 18.53
N LEU A 432 9.68 -3.77 18.47
CA LEU A 432 8.88 -3.56 17.27
C LEU A 432 8.72 -2.05 17.09
N LEU A 433 8.38 -1.34 18.18
CA LEU A 433 8.16 0.11 18.19
C LEU A 433 9.44 0.92 18.00
N GLU A 434 10.60 0.34 18.34
CA GLU A 434 11.88 1.01 18.12
C GLU A 434 12.21 1.09 16.61
N ASN A 435 11.68 0.15 15.80
CA ASN A 435 11.87 0.09 14.35
C ASN A 435 10.85 0.91 13.55
N TYR A 436 9.91 1.56 14.23
CA TYR A 436 8.87 2.38 13.63
C TYR A 436 9.52 3.60 12.96
N GLY A 437 9.02 3.96 11.78
CA GLY A 437 9.54 5.09 11.03
C GLY A 437 10.78 4.81 10.19
N LYS A 438 11.12 3.53 10.03
CA LYS A 438 12.28 3.15 9.26
C LYS A 438 11.85 2.50 7.96
N PHE A 439 12.42 2.96 6.86
CA PHE A 439 12.11 2.43 5.54
C PHE A 439 12.48 0.94 5.45
N GLU A 440 13.60 0.55 6.09
CA GLU A 440 14.09 -0.83 6.12
C GLU A 440 13.16 -1.85 6.78
N LYS A 441 12.08 -1.38 7.42
CA LYS A 441 11.09 -2.25 8.06
C LYS A 441 9.66 -2.01 7.52
N GLY A 442 9.50 -1.17 6.49
CA GLY A 442 8.19 -0.84 5.93
C GLY A 442 7.44 0.25 6.68
N TYR A 443 8.17 1.01 7.53
CA TYR A 443 7.68 2.10 8.39
C TYR A 443 6.83 1.61 9.56
N LEU A 444 6.10 0.49 9.38
CA LEU A 444 5.24 -0.14 10.40
C LEU A 444 4.03 0.69 10.79
N ILE A 445 3.59 1.63 9.92
CA ILE A 445 2.45 2.50 10.19
C ILE A 445 1.19 1.69 10.52
N PHE A 446 0.86 0.71 9.67
CA PHE A 446 -0.31 -0.13 9.84
C PHE A 446 -0.15 -1.24 10.88
N VAL A 447 1.08 -1.74 11.13
CA VAL A 447 1.28 -2.78 12.17
C VAL A 447 0.92 -2.20 13.55
N VAL A 448 1.33 -0.95 13.78
CA VAL A 448 1.04 -0.25 15.02
C VAL A 448 -0.44 0.12 15.10
N ARG A 449 -1.00 0.66 14.02
CA ARG A 449 -2.42 1.01 13.98
C ARG A 449 -3.32 -0.20 14.25
N PHE A 450 -3.02 -1.36 13.63
CA PHE A 450 -3.81 -2.56 13.85
C PHE A 450 -3.65 -3.11 15.26
N LEU A 451 -2.48 -2.88 15.89
CA LEU A 451 -2.26 -3.28 17.27
C LEU A 451 -3.18 -2.44 18.16
N PHE A 452 -3.24 -1.11 17.92
CA PHE A 452 -4.10 -0.21 18.68
C PHE A 452 -5.57 -0.59 18.60
N GLY A 453 -6.01 -1.01 17.43
CA GLY A 453 -7.38 -1.41 17.23
C GLY A 453 -7.74 -2.76 17.79
N LEU A 454 -6.86 -3.75 17.62
CA LEU A 454 -7.11 -5.09 18.10
C LEU A 454 -7.03 -5.17 19.62
N VAL A 455 -6.07 -4.43 20.22
CA VAL A 455 -5.86 -4.37 21.67
C VAL A 455 -7.15 -3.94 22.41
N ASN A 456 -8.03 -3.16 21.74
CA ASN A 456 -9.33 -2.68 22.22
C ASN A 456 -10.08 -3.72 23.03
N GLN A 457 -10.08 -3.54 24.34
CA GLN A 457 -10.69 -4.46 25.27
C GLN A 457 -12.19 -4.53 25.12
N GLU A 458 -12.89 -3.38 25.12
CA GLU A 458 -14.34 -3.40 24.97
C GLU A 458 -14.76 -3.47 23.48
N ARG A 459 -14.22 -4.47 22.75
CA ARG A 459 -14.55 -4.74 21.36
C ARG A 459 -14.14 -6.17 21.05
N THR A 460 -15.10 -7.04 20.73
CA THR A 460 -14.82 -8.44 20.43
C THR A 460 -15.77 -9.04 19.37
N SER A 461 -15.20 -9.80 18.43
CA SER A 461 -15.91 -10.52 17.36
C SER A 461 -15.42 -12.01 17.40
N TYR A 462 -15.45 -12.77 16.27
CA TYR A 462 -14.94 -14.16 16.31
C TYR A 462 -13.42 -14.14 16.27
N LEU A 463 -12.88 -13.36 15.33
CA LEU A 463 -11.43 -13.22 15.12
C LEU A 463 -10.74 -12.58 16.33
N GLU A 464 -11.45 -11.68 17.04
CA GLU A 464 -10.90 -11.04 18.23
C GLU A 464 -10.92 -11.96 19.46
N LYS A 465 -11.85 -12.93 19.51
CA LYS A 465 -11.91 -13.89 20.62
C LYS A 465 -10.75 -14.89 20.64
N LYS A 466 -9.96 -14.97 19.57
CA LYS A 466 -8.79 -15.85 19.47
C LYS A 466 -7.50 -15.11 19.85
N LEU A 467 -7.59 -14.09 20.72
CA LEU A 467 -6.45 -13.29 21.18
C LEU A 467 -6.32 -13.40 22.69
N SER A 468 -5.08 -13.50 23.22
CA SER A 468 -4.90 -13.60 24.67
C SER A 468 -5.22 -12.29 25.36
N CYS A 469 -6.23 -12.30 26.24
CA CYS A 469 -6.62 -11.11 26.98
C CYS A 469 -5.55 -10.66 27.99
N LYS A 470 -4.64 -11.56 28.39
CA LYS A 470 -3.58 -11.24 29.34
C LYS A 470 -2.48 -10.45 28.67
N ILE A 471 -2.09 -10.84 27.45
CA ILE A 471 -1.03 -10.18 26.71
C ILE A 471 -1.51 -8.93 25.97
N SER A 472 -2.81 -8.86 25.61
CA SER A 472 -3.33 -7.65 24.97
C SER A 472 -3.43 -6.47 25.97
N GLN A 473 -3.47 -6.77 27.29
CA GLN A 473 -3.46 -5.77 28.33
C GLN A 473 -2.03 -5.25 28.53
N GLN A 474 -1.02 -6.14 28.44
CA GLN A 474 0.38 -5.74 28.56
C GLN A 474 0.75 -4.83 27.41
N ILE A 475 0.29 -5.17 26.18
CA ILE A 475 0.54 -4.37 24.99
C ILE A 475 -0.15 -3.02 25.11
N ARG A 476 -1.35 -2.98 25.69
CA ARG A 476 -2.10 -1.75 25.93
C ARG A 476 -1.26 -0.76 26.78
N LEU A 477 -0.62 -1.26 27.87
CA LEU A 477 0.21 -0.42 28.73
C LEU A 477 1.50 0.02 28.06
N GLU A 478 2.03 -0.80 27.16
CA GLU A 478 3.25 -0.48 26.43
C GLU A 478 3.01 0.58 25.38
N LEU A 479 1.85 0.53 24.70
CA LEU A 479 1.46 1.49 23.68
C LEU A 479 1.25 2.87 24.29
N LEU A 480 0.70 2.92 25.51
CA LEU A 480 0.46 4.18 26.21
C LEU A 480 1.77 4.86 26.64
N LYS A 481 2.79 4.05 26.98
CA LYS A 481 4.10 4.60 27.33
C LYS A 481 4.76 5.17 26.08
N TRP A 482 4.59 4.48 24.93
CA TRP A 482 5.10 4.90 23.61
C TRP A 482 4.46 6.22 23.18
N ILE A 483 3.18 6.46 23.54
CA ILE A 483 2.47 7.70 23.24
C ILE A 483 3.09 8.83 24.06
N GLU A 484 3.28 8.60 25.38
CA GLU A 484 3.88 9.54 26.33
C GLU A 484 5.29 9.97 25.91
N VAL A 485 6.08 9.03 25.39
CA VAL A 485 7.44 9.28 24.94
C VAL A 485 7.46 10.17 23.68
N LYS A 486 6.65 9.82 22.67
CA LYS A 486 6.62 10.58 21.43
C LYS A 486 6.05 11.98 21.61
N ALA A 487 4.99 12.12 22.41
CA ALA A 487 4.38 13.42 22.63
C ALA A 487 5.34 14.44 23.24
N LYS A 488 6.04 14.08 24.32
CA LYS A 488 6.98 14.95 25.04
C LYS A 488 8.24 15.30 24.24
N ALA A 489 8.94 14.30 23.70
CA ALA A 489 10.16 14.56 22.93
C ALA A 489 9.79 14.72 21.46
N LYS A 490 9.17 15.87 21.13
CA LYS A 490 8.76 16.17 19.75
C LYS A 490 9.92 16.52 18.79
N LYS A 491 11.18 16.51 19.29
CA LYS A 491 12.40 16.83 18.53
C LYS A 491 12.79 15.77 17.49
N LEU A 492 11.82 15.03 16.97
CA LEU A 492 12.08 14.00 15.97
C LEU A 492 11.88 14.51 14.56
N GLN A 493 12.66 13.96 13.62
CA GLN A 493 12.51 14.28 12.19
C GLN A 493 11.36 13.44 11.62
N ILE A 494 10.26 13.34 12.40
CA ILE A 494 9.02 12.63 12.13
C ILE A 494 9.18 11.12 11.96
N GLN A 495 8.57 10.38 12.89
CA GLN A 495 8.44 8.94 12.85
C GLN A 495 6.91 8.80 13.04
N PRO A 496 6.34 8.95 14.26
CA PRO A 496 4.87 9.00 14.37
C PRO A 496 4.40 10.45 14.48
N SER A 497 4.00 11.09 13.37
CA SER A 497 3.57 12.50 13.41
C SER A 497 2.41 12.73 14.40
N GLN A 498 2.14 13.99 14.87
CA GLN A 498 1.04 14.19 15.82
C GLN A 498 -0.30 13.71 15.30
N LEU A 499 -0.52 13.85 13.98
CA LEU A 499 -1.75 13.38 13.34
C LEU A 499 -1.75 11.85 13.29
N GLU A 500 -0.58 11.24 13.02
CA GLU A 500 -0.45 9.78 13.04
C GLU A 500 -0.76 9.23 14.44
N LEU A 501 -0.36 9.95 15.50
CA LEU A 501 -0.72 9.56 16.86
C LEU A 501 -2.22 9.69 17.10
N PHE A 502 -2.89 10.60 16.39
CA PHE A 502 -4.34 10.71 16.45
C PHE A 502 -4.99 9.54 15.70
N TYR A 503 -4.35 9.06 14.61
CA TYR A 503 -4.81 7.90 13.83
C TYR A 503 -4.71 6.61 14.66
N CYS A 504 -3.72 6.54 15.57
CA CYS A 504 -3.49 5.41 16.45
C CYS A 504 -4.51 5.43 17.57
N LEU A 505 -4.80 6.62 18.13
CA LEU A 505 -5.80 6.76 19.19
C LEU A 505 -7.22 6.55 18.64
N TYR A 506 -7.45 6.87 17.35
CA TYR A 506 -8.75 6.64 16.74
C TYR A 506 -9.00 5.15 16.65
N GLU A 507 -8.00 4.37 16.21
CA GLU A 507 -8.11 2.91 16.11
C GLU A 507 -8.41 2.30 17.48
N MET A 508 -7.75 2.83 18.53
CA MET A 508 -7.90 2.41 19.92
C MET A 508 -9.37 2.55 20.33
N GLN A 509 -9.96 3.74 20.12
CA GLN A 509 -11.37 4.08 20.33
C GLN A 509 -11.81 4.12 21.83
N GLU A 510 -11.23 3.30 22.72
CA GLU A 510 -11.57 3.24 24.14
C GLU A 510 -11.38 4.59 24.86
N GLU A 511 -12.45 5.10 25.49
CA GLU A 511 -12.41 6.41 26.15
C GLU A 511 -11.47 6.46 27.39
N ASP A 512 -11.17 5.32 28.03
CA ASP A 512 -10.26 5.32 29.19
C ASP A 512 -8.81 5.52 28.74
N PHE A 513 -8.46 4.95 27.57
CA PHE A 513 -7.12 5.04 27.00
C PHE A 513 -6.95 6.38 26.29
N VAL A 514 -7.86 6.73 25.36
CA VAL A 514 -7.73 7.97 24.60
C VAL A 514 -7.70 9.20 25.50
N GLN A 515 -8.52 9.23 26.55
CA GLN A 515 -8.52 10.35 27.49
C GLN A 515 -7.15 10.55 28.15
N ARG A 516 -6.52 9.45 28.61
CA ARG A 516 -5.22 9.50 29.26
C ARG A 516 -4.12 9.84 28.29
N ALA A 517 -4.17 9.25 27.10
CA ALA A 517 -3.17 9.48 26.07
C ALA A 517 -3.22 10.91 25.54
N MET A 518 -4.39 11.56 25.57
CA MET A 518 -4.50 12.92 25.08
C MET A 518 -3.87 13.94 25.98
N ASP A 519 -3.86 13.69 27.29
CA ASP A 519 -3.27 14.61 28.25
C ASP A 519 -1.74 14.76 28.13
N TYR A 520 -1.08 13.90 27.33
CA TYR A 520 0.37 13.99 27.12
C TYR A 520 0.72 15.13 26.16
N PHE A 521 -0.09 15.36 25.10
CA PHE A 521 0.16 16.41 24.11
C PHE A 521 0.06 17.83 24.69
N PRO A 522 1.05 18.69 24.42
CA PRO A 522 0.99 20.07 24.96
C PRO A 522 0.04 20.98 24.19
N LYS A 523 -0.09 20.74 22.88
CA LYS A 523 -0.92 21.52 21.96
C LYS A 523 -1.28 20.67 20.73
N ILE A 524 -2.28 21.12 19.96
CA ILE A 524 -2.67 20.42 18.74
C ILE A 524 -2.08 21.13 17.52
N GLU A 525 -1.08 20.54 16.91
CA GLU A 525 -0.43 21.11 15.74
C GLU A 525 -0.39 20.05 14.65
N ILE A 526 -1.40 20.05 13.78
CA ILE A 526 -1.53 19.08 12.69
C ILE A 526 -1.94 19.74 11.38
N ASN A 527 -1.66 19.09 10.26
CA ASN A 527 -2.05 19.62 8.96
C ASN A 527 -3.18 18.78 8.38
N LEU A 528 -4.41 19.26 8.51
CA LEU A 528 -5.56 18.54 7.99
C LEU A 528 -5.63 18.61 6.47
N SER A 529 -5.88 17.47 5.82
CA SER A 529 -5.88 17.40 4.37
C SER A 529 -7.17 16.76 3.82
N THR A 530 -7.56 15.63 4.38
CA THR A 530 -8.74 14.91 3.92
C THR A 530 -9.81 14.91 5.00
N ARG A 531 -11.08 14.63 4.64
CA ARG A 531 -12.13 14.52 5.66
C ARG A 531 -11.82 13.43 6.71
N MET A 532 -10.85 12.53 6.44
CA MET A 532 -10.40 11.51 7.37
C MET A 532 -9.55 12.16 8.46
N ASP A 533 -8.67 13.08 8.07
CA ASP A 533 -7.83 13.82 9.01
C ASP A 533 -8.69 14.61 9.99
N HIS A 534 -9.74 15.30 9.50
CA HIS A 534 -10.60 16.09 10.41
C HIS A 534 -11.57 15.23 11.25
N MET A 535 -11.66 13.93 10.97
CA MET A 535 -12.54 12.97 11.63
C MET A 535 -11.76 12.29 12.74
N VAL A 536 -10.60 11.74 12.40
CA VAL A 536 -9.69 11.03 13.29
C VAL A 536 -9.21 11.96 14.40
N SER A 537 -8.78 13.15 14.04
CA SER A 537 -8.27 14.12 14.99
C SER A 537 -9.36 14.83 15.78
N SER A 538 -10.57 14.92 15.24
CA SER A 538 -11.69 15.52 15.97
C SER A 538 -12.13 14.58 17.10
N PHE A 539 -12.04 13.26 16.88
CA PHE A 539 -12.36 12.25 17.87
C PHE A 539 -11.42 12.42 19.09
N CYS A 540 -10.13 12.61 18.82
CA CYS A 540 -9.13 12.78 19.86
C CYS A 540 -9.31 14.10 20.61
N ILE A 541 -9.65 15.18 19.90
CA ILE A 541 -9.91 16.48 20.50
C ILE A 541 -11.14 16.40 21.41
N GLU A 542 -12.17 15.66 20.99
CA GLU A 542 -13.37 15.49 21.78
C GLU A 542 -13.10 14.66 23.04
N ASN A 543 -12.21 13.65 22.92
CA ASN A 543 -11.84 12.81 24.05
C ASN A 543 -10.75 13.39 24.94
N CYS A 544 -10.32 14.63 24.71
CA CYS A 544 -9.27 15.24 25.51
C CYS A 544 -9.84 16.26 26.41
N HIS A 545 -9.65 16.08 27.71
CA HIS A 545 -10.09 17.10 28.64
C HIS A 545 -9.20 17.15 29.87
N ARG A 546 -8.65 18.35 30.08
CA ARG A 546 -7.73 18.75 31.15
C ARG A 546 -8.12 18.28 32.59
N VAL A 547 -7.27 18.60 33.58
CA VAL A 547 -7.44 18.29 35.00
C VAL A 547 -8.72 18.96 35.60
N GLU A 548 -9.30 19.97 34.90
CA GLU A 548 -10.52 20.66 35.36
C GLU A 548 -11.20 21.56 34.28
N SER A 549 -11.37 21.06 33.04
CA SER A 549 -11.99 21.86 31.97
C SER A 549 -13.52 22.00 32.08
N LEU A 550 -13.99 23.06 32.78
CA LEU A 550 -15.40 23.46 33.04
C LEU A 550 -15.64 23.94 34.49
#